data_8WOK
#
_entry.id   8WOK
#
_cell.length_a   59.440
_cell.length_b   65.013
_cell.length_c   82.182
_cell.angle_alpha   90.000
_cell.angle_beta   95.073
_cell.angle_gamma   90.000
#
_symmetry.space_group_name_H-M   'P 1 21 1'
#
loop_
_entity.id
_entity.type
_entity.pdbx_description
1 polymer 'PL7 alignate lyase'
2 polymer 'PL7 alignate lyase'
3 non-polymer 'SULFATE ION'
4 water water
#
loop_
_entity_poly.entity_id
_entity_poly.type
_entity_poly.pdbx_seq_one_letter_code
_entity_poly.pdbx_strand_id
1 'polypeptide(L)'
;GAMDPEFLDPQLPPSSNFDLSAWYLSVPTDNNGDGKADSIKENDLNAGYADGTYFYTAADGGMVFRCPIDGYKTSTNTSY
TRTELREMLRRGDTSIATQGVNGNNWVFGSAPASAREAAGGVDGVLRATLAVNHVTTTGDSGQVGRVIVGQIHANNDEPL
RLYYRKLPGHSKGSVYIAHEPNGGSDSWYDMIGSRSSSASDPSDGIALDEVWSYEVKVVGNTLTVTIFRAGKDDVVQVVD
MGNSGYDVADQYQYFKAGVYNQNNTGNASDYVQVTFYALEQSHD
;
A
2 'polypeptide(L)'
;GAMDPEFLDPNLPPSSNFDLSAWYLSVPTDNNGDGKADSIKENDLNAGYADGTYFYTAADGGMVFRCPIDGYKTSTNTSY
TRTELREMLRRGDTSIATQGVNGNNWVFGSAPASAREAAGGVDGVLRATLAVNHVTTTGDSGQVGRVIVGQIHANNDEPL
RLYYRKLPGHSKGSVYIAHEPNGGSDSWYDMIGSRSSSASDPSDGIALDEVWSYEVKVVGNTLTVTIFRAGKDDVVQVVD
MGNSGYDVADQYQYFKAGVYNQNNTGNASDYVQVTFYALEQSHD
;
B
#
# COMPACT_ATOMS: atom_id res chain seq x y z
N LEU A 8 -30.90 3.86 -19.56
CA LEU A 8 -29.60 4.35 -18.99
C LEU A 8 -29.18 5.70 -19.56
N ASP A 9 -29.13 6.69 -18.67
CA ASP A 9 -28.90 8.04 -19.15
C ASP A 9 -27.40 8.41 -19.09
N PRO A 10 -26.75 8.78 -20.23
CA PRO A 10 -25.38 9.25 -20.17
C PRO A 10 -25.15 10.47 -19.27
N GLN A 11 -26.20 11.30 -19.04
CA GLN A 11 -26.09 12.56 -18.32
C GLN A 11 -26.52 12.48 -16.85
N LEU A 12 -26.65 11.26 -16.36
CA LEU A 12 -27.04 10.99 -14.99
C LEU A 12 -25.92 10.17 -14.30
N PRO A 13 -25.68 10.45 -12.99
CA PRO A 13 -24.67 9.69 -12.23
C PRO A 13 -25.12 8.24 -12.11
N PRO A 14 -24.19 7.31 -11.77
CA PRO A 14 -24.54 5.89 -11.58
C PRO A 14 -25.68 5.67 -10.55
N SER A 15 -25.79 6.47 -9.49
CA SER A 15 -26.86 6.25 -8.50
C SER A 15 -28.25 6.64 -9.02
N SER A 16 -28.30 7.29 -10.20
CA SER A 16 -29.56 7.64 -10.82
C SER A 16 -29.91 6.64 -11.91
N ASN A 17 -28.89 6.09 -12.58
CA ASN A 17 -29.04 5.01 -13.55
C ASN A 17 -29.28 3.63 -12.92
N PHE A 18 -28.81 3.40 -11.67
CA PHE A 18 -28.93 2.13 -10.95
C PHE A 18 -29.45 2.41 -9.54
N ASP A 19 -30.05 1.38 -8.93
CA ASP A 19 -30.44 1.47 -7.53
C ASP A 19 -29.26 1.09 -6.64
N LEU A 20 -28.54 2.10 -6.14
CA LEU A 20 -27.29 1.85 -5.44
C LEU A 20 -27.48 2.08 -3.93
N SER A 21 -28.75 2.06 -3.49
CA SER A 21 -29.04 2.42 -2.10
C SER A 21 -28.47 1.40 -1.12
N ALA A 22 -28.32 0.09 -1.52
CA ALA A 22 -27.74 -0.94 -0.65
C ALA A 22 -26.27 -1.27 -0.98
N TRP A 23 -25.46 -0.25 -1.29
CA TRP A 23 -24.07 -0.51 -1.70
C TRP A 23 -23.20 0.59 -1.15
N TYR A 24 -21.93 0.24 -0.85
CA TYR A 24 -20.92 1.29 -0.75
C TYR A 24 -19.84 1.06 -1.82
N LEU A 25 -19.13 2.13 -2.22
CA LEU A 25 -18.07 2.04 -3.21
C LEU A 25 -16.66 2.08 -2.57
N SER A 26 -15.76 1.16 -3.01
CA SER A 26 -14.35 1.23 -2.63
C SER A 26 -13.49 1.68 -3.81
N VAL A 27 -12.69 2.75 -3.70
CA VAL A 27 -11.85 3.21 -4.82
C VAL A 27 -10.41 3.29 -4.29
N PRO A 28 -9.38 2.96 -5.11
CA PRO A 28 -8.05 2.64 -4.53
C PRO A 28 -7.14 3.82 -4.24
N THR A 29 -7.72 4.86 -3.66
CA THR A 29 -7.00 6.07 -3.33
C THR A 29 -6.91 6.17 -1.80
N ASP A 30 -6.02 7.02 -1.28
CA ASP A 30 -6.04 7.19 0.16
C ASP A 30 -6.10 8.67 0.46
N ASN A 31 -7.31 9.21 0.52
CA ASN A 31 -7.54 10.62 0.80
C ASN A 31 -7.63 10.98 2.28
N ASN A 32 -7.92 10.06 3.16
CA ASN A 32 -7.93 10.44 4.56
C ASN A 32 -6.61 10.05 5.27
N GLY A 33 -5.62 9.53 4.57
CA GLY A 33 -4.30 9.21 5.17
C GLY A 33 -4.35 8.03 6.16
N ASP A 34 -5.28 7.05 5.94
CA ASP A 34 -5.29 5.89 6.81
C ASP A 34 -4.55 4.67 6.23
N GLY A 35 -3.87 4.82 5.07
CA GLY A 35 -3.10 3.76 4.44
C GLY A 35 -3.99 2.75 3.70
N LYS A 36 -5.35 2.87 3.74
CA LYS A 36 -6.27 1.91 3.13
C LYS A 36 -6.97 2.52 1.92
N ALA A 37 -7.63 1.68 1.09
CA ALA A 37 -8.49 2.21 0.04
C ALA A 37 -9.59 3.09 0.66
N ASP A 38 -10.09 4.06 -0.08
CA ASP A 38 -11.17 4.89 0.37
C ASP A 38 -12.53 4.24 0.12
N SER A 39 -13.46 4.58 1.02
CA SER A 39 -14.84 4.08 0.94
C SER A 39 -15.75 5.27 0.74
N ILE A 40 -16.56 5.18 -0.31
CA ILE A 40 -17.60 6.18 -0.47
C ILE A 40 -18.84 5.46 0.06
N LYS A 41 -19.27 5.80 1.29
CA LYS A 41 -20.40 5.12 1.90
C LYS A 41 -21.73 5.44 1.21
N GLU A 42 -22.78 4.65 1.58
CA GLU A 42 -24.07 4.67 0.87
C GLU A 42 -24.60 6.08 0.69
N ASN A 43 -24.57 6.90 1.76
CA ASN A 43 -25.21 8.21 1.71
C ASN A 43 -24.55 9.16 0.69
N ASP A 44 -23.22 9.15 0.58
CA ASP A 44 -22.47 9.96 -0.37
C ASP A 44 -22.52 9.35 -1.78
N LEU A 45 -22.48 8.02 -1.87
CA LEU A 45 -22.51 7.41 -3.20
C LEU A 45 -23.78 7.81 -3.92
N ASN A 46 -24.90 7.76 -3.17
CA ASN A 46 -26.27 7.91 -3.64
C ASN A 46 -26.58 9.40 -3.75
N ALA A 47 -25.60 10.30 -3.53
CA ALA A 47 -25.79 11.72 -3.87
C ALA A 47 -25.28 11.97 -5.30
N GLY A 48 -24.96 10.88 -6.05
CA GLY A 48 -24.53 11.00 -7.45
C GLY A 48 -23.01 11.12 -7.64
N TYR A 49 -22.29 10.50 -6.71
CA TYR A 49 -20.84 10.36 -6.76
C TYR A 49 -20.36 9.75 -8.09
N ALA A 50 -19.41 10.44 -8.76
CA ALA A 50 -18.66 9.90 -9.90
C ALA A 50 -17.35 10.70 -9.93
N ASP A 51 -16.20 10.05 -10.09
CA ASP A 51 -14.98 10.84 -10.06
C ASP A 51 -14.29 10.93 -11.43
N GLY A 52 -14.90 10.38 -12.50
CA GLY A 52 -14.29 10.44 -13.83
C GLY A 52 -13.02 9.57 -13.99
N THR A 53 -12.61 8.84 -12.95
CA THR A 53 -11.34 8.15 -13.07
C THR A 53 -11.49 6.68 -12.71
N TYR A 54 -12.16 6.40 -11.58
CA TYR A 54 -12.42 5.04 -11.14
C TYR A 54 -13.86 4.63 -11.40
N PHE A 55 -14.80 5.57 -11.30
CA PHE A 55 -16.21 5.16 -11.21
C PHE A 55 -17.02 6.30 -11.84
N TYR A 56 -17.78 6.01 -12.91
CA TYR A 56 -18.39 7.08 -13.71
C TYR A 56 -19.42 6.48 -14.66
N THR A 57 -20.28 7.36 -15.18
CA THR A 57 -21.26 6.96 -16.19
C THR A 57 -20.60 7.04 -17.59
N ALA A 58 -20.69 5.95 -18.39
CA ALA A 58 -20.16 5.86 -19.76
C ALA A 58 -21.00 6.72 -20.73
N ALA A 59 -20.47 6.90 -21.95
CA ALA A 59 -21.13 7.65 -23.01
C ALA A 59 -22.46 7.00 -23.40
N ASP A 60 -22.64 5.74 -22.98
CA ASP A 60 -23.84 4.96 -23.22
C ASP A 60 -24.68 4.79 -21.96
N GLY A 61 -24.37 5.47 -20.83
CA GLY A 61 -25.22 5.35 -19.64
C GLY A 61 -24.77 4.25 -18.64
N GLY A 62 -23.88 3.34 -19.09
CA GLY A 62 -23.36 2.23 -18.27
C GLY A 62 -22.58 2.73 -17.05
N MET A 63 -22.54 1.95 -15.99
CA MET A 63 -21.78 2.34 -14.79
C MET A 63 -20.39 1.67 -14.90
N VAL A 64 -19.34 2.51 -15.05
CA VAL A 64 -18.02 2.02 -15.33
C VAL A 64 -17.25 1.90 -14.01
N PHE A 65 -16.53 0.76 -13.84
CA PHE A 65 -15.57 0.50 -12.78
C PHE A 65 -14.19 0.34 -13.43
N ARG A 66 -13.23 1.21 -13.08
CA ARG A 66 -11.94 1.14 -13.70
C ARG A 66 -10.93 1.14 -12.55
N CYS A 67 -9.87 0.33 -12.70
CA CYS A 67 -9.01 0.03 -11.57
C CYS A 67 -7.59 -0.31 -12.07
N PRO A 68 -6.58 0.55 -11.80
CA PRO A 68 -5.22 0.23 -12.17
C PRO A 68 -4.60 -0.85 -11.27
N ILE A 69 -3.47 -1.43 -11.73
CA ILE A 69 -2.71 -2.38 -10.90
C ILE A 69 -2.24 -1.69 -9.61
N ASP A 70 -1.75 -0.47 -9.75
CA ASP A 70 -1.07 0.13 -8.61
C ASP A 70 -2.11 0.96 -7.88
N GLY A 71 -2.08 0.88 -6.56
CA GLY A 71 -2.90 1.72 -5.71
C GLY A 71 -3.12 1.12 -4.33
N TYR A 72 -3.94 1.77 -3.51
CA TYR A 72 -4.16 1.38 -2.13
C TYR A 72 -5.12 0.21 -2.11
N LYS A 73 -4.96 -0.64 -1.08
CA LYS A 73 -5.80 -1.81 -0.90
C LYS A 73 -6.72 -1.68 0.34
N THR A 74 -7.73 -2.53 0.37
CA THR A 74 -8.76 -2.47 1.39
C THR A 74 -8.21 -2.96 2.73
N SER A 75 -7.22 -3.85 2.73
CA SER A 75 -6.60 -4.25 3.98
C SER A 75 -5.24 -4.86 3.65
N THR A 76 -4.44 -5.23 4.66
CA THR A 76 -3.14 -5.83 4.40
C THR A 76 -3.31 -7.29 3.99
N ASN A 77 -4.52 -7.82 4.12
CA ASN A 77 -4.90 -9.21 3.89
C ASN A 77 -5.08 -9.48 2.38
N THR A 78 -5.08 -8.42 1.56
CA THR A 78 -5.17 -8.60 0.13
C THR A 78 -3.98 -7.91 -0.54
N SER A 79 -3.72 -8.38 -1.74
CA SER A 79 -2.58 -7.90 -2.48
C SER A 79 -3.05 -7.20 -3.75
N TYR A 80 -4.37 -7.03 -3.92
CA TYR A 80 -4.94 -6.55 -5.19
C TYR A 80 -5.81 -5.30 -4.96
N THR A 81 -5.75 -4.39 -5.98
CA THR A 81 -6.59 -3.21 -6.04
C THR A 81 -7.98 -3.60 -6.55
N ARG A 82 -8.98 -2.77 -6.22
CA ARG A 82 -10.34 -2.97 -6.70
C ARG A 82 -10.97 -1.57 -6.84
N THR A 83 -11.96 -1.45 -7.73
CA THR A 83 -12.96 -0.40 -7.75
C THR A 83 -14.25 -1.20 -7.71
N GLU A 84 -14.83 -1.39 -6.50
CA GLU A 84 -15.87 -2.40 -6.32
C GLU A 84 -16.92 -1.99 -5.26
N LEU A 85 -18.17 -2.40 -5.46
CA LEU A 85 -19.26 -2.18 -4.52
C LEU A 85 -19.28 -3.30 -3.50
N ARG A 86 -19.77 -3.01 -2.30
CA ARG A 86 -19.84 -3.93 -1.18
C ARG A 86 -21.28 -3.73 -0.67
N GLU A 87 -22.03 -4.79 -0.47
CA GLU A 87 -23.48 -4.69 -0.20
C GLU A 87 -23.68 -4.22 1.23
N MET A 88 -24.69 -3.35 1.34
CA MET A 88 -24.99 -2.72 2.61
C MET A 88 -26.51 -2.73 2.80
N LEU A 89 -27.05 -3.74 3.52
CA LEU A 89 -28.49 -3.88 3.67
C LEU A 89 -29.05 -2.81 4.61
N ARG A 90 -28.17 -2.07 5.33
CA ARG A 90 -28.65 -0.98 6.20
C ARG A 90 -29.11 0.23 5.39
N ARG A 91 -28.69 0.30 4.12
CA ARG A 91 -29.04 1.40 3.24
C ARG A 91 -28.82 2.80 3.82
N GLY A 92 -27.61 3.12 4.35
CA GLY A 92 -27.41 4.48 4.85
C GLY A 92 -27.76 4.64 6.34
N ASP A 93 -28.45 3.65 6.98
CA ASP A 93 -28.61 3.62 8.42
C ASP A 93 -27.29 3.28 9.11
N THR A 94 -26.49 4.30 9.43
CA THR A 94 -25.18 4.14 10.03
C THR A 94 -25.20 3.61 11.48
N SER A 95 -26.37 3.58 12.15
CA SER A 95 -26.44 3.00 13.48
C SER A 95 -26.42 1.47 13.38
N ILE A 96 -26.42 0.86 12.17
CA ILE A 96 -26.21 -0.59 12.05
C ILE A 96 -24.75 -0.81 11.61
N ALA A 97 -23.97 -1.68 12.28
CA ALA A 97 -22.57 -1.88 11.96
C ALA A 97 -22.42 -2.53 10.57
N THR A 98 -21.26 -2.26 9.93
CA THR A 98 -20.93 -2.77 8.59
C THR A 98 -20.81 -4.29 8.62
N GLN A 99 -20.09 -4.80 9.64
CA GLN A 99 -19.85 -6.23 9.83
C GLN A 99 -20.78 -6.89 10.86
N GLY A 100 -21.09 -8.19 10.67
CA GLY A 100 -21.86 -8.86 11.71
C GLY A 100 -23.22 -9.35 11.21
N VAL A 101 -23.76 -10.34 11.96
CA VAL A 101 -25.07 -10.90 11.61
C VAL A 101 -26.10 -9.92 12.16
N ASN A 102 -26.53 -8.98 11.33
CA ASN A 102 -27.34 -7.84 11.74
C ASN A 102 -28.04 -7.34 10.49
N GLY A 103 -28.82 -6.26 10.62
CA GLY A 103 -29.62 -5.83 9.50
C GLY A 103 -28.85 -5.35 8.26
N ASN A 104 -27.51 -5.27 8.33
CA ASN A 104 -26.69 -4.82 7.18
C ASN A 104 -26.31 -5.98 6.24
N ASN A 105 -26.42 -7.22 6.75
CA ASN A 105 -25.84 -8.38 6.08
C ASN A 105 -26.89 -9.49 6.04
N TRP A 106 -26.68 -10.48 5.15
CA TRP A 106 -27.54 -11.63 5.03
C TRP A 106 -26.80 -12.92 5.46
N VAL A 107 -27.57 -14.02 5.50
CA VAL A 107 -27.14 -15.33 5.98
C VAL A 107 -27.79 -16.33 5.03
N PHE A 108 -27.16 -17.48 4.82
CA PHE A 108 -27.76 -18.54 4.02
C PHE A 108 -28.98 -19.08 4.76
N GLY A 109 -30.03 -19.50 4.02
CA GLY A 109 -31.26 -20.01 4.65
C GLY A 109 -31.04 -21.25 5.54
N SER A 110 -29.87 -21.88 5.41
CA SER A 110 -29.45 -23.07 6.15
C SER A 110 -28.93 -22.70 7.53
N ALA A 111 -28.76 -21.38 7.79
CA ALA A 111 -28.21 -20.98 9.08
C ALA A 111 -29.28 -21.17 10.16
N PRO A 112 -28.94 -21.20 11.49
CA PRO A 112 -29.99 -21.21 12.53
C PRO A 112 -31.06 -20.10 12.56
N ALA A 113 -32.22 -20.36 13.18
CA ALA A 113 -33.31 -19.40 13.21
C ALA A 113 -32.85 -18.07 13.77
N SER A 114 -31.98 -18.14 14.79
CA SER A 114 -31.47 -16.95 15.45
C SER A 114 -30.74 -16.02 14.44
N ALA A 115 -29.88 -16.66 13.61
CA ALA A 115 -29.04 -15.93 12.65
C ALA A 115 -29.95 -15.34 11.59
N ARG A 116 -30.95 -16.12 11.17
CA ARG A 116 -31.95 -15.71 10.18
C ARG A 116 -32.82 -14.51 10.60
N GLU A 117 -33.28 -14.49 11.86
CA GLU A 117 -34.20 -13.43 12.29
C GLU A 117 -33.43 -12.12 12.55
N ALA A 118 -32.16 -12.17 13.02
CA ALA A 118 -31.25 -11.04 13.27
C ALA A 118 -30.74 -10.38 11.96
N ALA A 119 -30.62 -11.15 10.88
CA ALA A 119 -29.94 -10.74 9.65
C ALA A 119 -30.83 -9.78 8.83
N GLY A 120 -30.20 -9.02 7.95
CA GLY A 120 -30.89 -8.09 7.06
C GLY A 120 -31.60 -8.82 5.95
N GLY A 121 -31.18 -10.03 5.66
CA GLY A 121 -31.85 -10.85 4.67
C GLY A 121 -31.47 -12.31 4.82
N VAL A 122 -32.25 -13.17 4.14
CA VAL A 122 -32.00 -14.59 4.18
C VAL A 122 -31.89 -15.09 2.73
N ASP A 123 -30.84 -15.89 2.42
CA ASP A 123 -30.57 -16.29 1.03
C ASP A 123 -30.25 -15.05 0.21
N GLY A 124 -29.96 -15.21 -1.09
CA GLY A 124 -29.68 -14.01 -1.87
C GLY A 124 -29.61 -14.35 -3.33
N VAL A 125 -29.82 -13.33 -4.18
CA VAL A 125 -29.72 -13.34 -5.63
C VAL A 125 -29.03 -12.04 -6.06
N LEU A 126 -27.87 -12.13 -6.74
CA LEU A 126 -27.22 -11.00 -7.37
C LEU A 126 -27.31 -11.22 -8.89
N ARG A 127 -27.86 -10.23 -9.61
CA ARG A 127 -27.97 -10.25 -11.06
C ARG A 127 -27.22 -9.06 -11.62
N ALA A 128 -26.46 -9.28 -12.69
CA ALA A 128 -25.80 -8.17 -13.34
C ALA A 128 -25.74 -8.41 -14.85
N THR A 129 -25.73 -7.30 -15.60
CA THR A 129 -25.39 -7.29 -17.03
C THR A 129 -24.17 -6.39 -17.21
N LEU A 130 -23.21 -6.82 -18.01
CA LEU A 130 -21.91 -6.16 -18.05
C LEU A 130 -21.17 -6.49 -19.37
N ALA A 131 -20.08 -5.75 -19.68
CA ALA A 131 -19.10 -5.94 -20.73
C ALA A 131 -17.74 -5.65 -20.11
N VAL A 132 -16.77 -6.56 -20.32
CA VAL A 132 -15.43 -6.31 -19.83
C VAL A 132 -14.79 -5.53 -20.98
N ASN A 133 -14.31 -4.34 -20.65
CA ASN A 133 -13.82 -3.41 -21.66
C ASN A 133 -12.31 -3.64 -21.82
N HIS A 134 -11.64 -3.98 -20.71
CA HIS A 134 -10.19 -4.08 -20.68
C HIS A 134 -9.74 -4.94 -19.49
N VAL A 135 -8.77 -5.86 -19.70
CA VAL A 135 -8.07 -6.59 -18.62
C VAL A 135 -6.56 -6.32 -18.72
N THR A 136 -5.81 -6.63 -17.66
CA THR A 136 -4.36 -6.48 -17.71
C THR A 136 -3.73 -7.36 -18.80
N THR A 137 -2.69 -6.81 -19.46
CA THR A 137 -1.95 -7.53 -20.47
C THR A 137 -0.47 -7.64 -20.03
N THR A 138 -0.14 -7.24 -18.76
CA THR A 138 1.25 -7.14 -18.33
C THR A 138 1.43 -7.90 -17.03
N GLY A 139 2.68 -8.31 -16.69
CA GLY A 139 2.90 -8.98 -15.41
C GLY A 139 3.11 -10.50 -15.57
N ASP A 140 3.06 -11.18 -14.41
CA ASP A 140 3.35 -12.61 -14.36
C ASP A 140 2.32 -13.33 -15.22
N SER A 141 2.75 -14.48 -15.80
CA SER A 141 1.94 -15.35 -16.64
C SER A 141 0.72 -15.91 -15.90
N GLY A 142 0.85 -16.23 -14.59
CA GLY A 142 -0.25 -16.78 -13.82
C GLY A 142 -1.26 -15.71 -13.37
N GLN A 143 -0.95 -14.38 -13.51
CA GLN A 143 -1.90 -13.39 -13.01
C GLN A 143 -2.64 -12.67 -14.15
N VAL A 144 -1.95 -12.51 -15.28
CA VAL A 144 -2.33 -11.62 -16.38
C VAL A 144 -3.79 -11.90 -16.78
N GLY A 145 -4.54 -10.81 -16.95
CA GLY A 145 -5.79 -10.89 -17.70
C GLY A 145 -7.03 -11.11 -16.83
N ARG A 146 -6.91 -11.16 -15.48
CA ARG A 146 -7.95 -11.68 -14.60
C ARG A 146 -8.67 -10.53 -13.87
N VAL A 147 -10.01 -10.56 -13.87
CA VAL A 147 -10.78 -9.61 -13.04
C VAL A 147 -11.93 -10.40 -12.41
N ILE A 148 -12.15 -10.17 -11.12
CA ILE A 148 -13.36 -10.66 -10.43
C ILE A 148 -14.46 -9.57 -10.52
N VAL A 149 -15.63 -10.01 -11.03
CA VAL A 149 -16.77 -9.16 -11.36
C VAL A 149 -17.99 -9.36 -10.45
N GLY A 150 -17.88 -10.32 -9.52
CA GLY A 150 -19.04 -10.64 -8.69
C GLY A 150 -18.53 -11.49 -7.55
N GLN A 151 -19.03 -11.28 -6.32
CA GLN A 151 -18.56 -12.07 -5.19
C GLN A 151 -19.67 -12.31 -4.21
N ILE A 152 -19.53 -13.45 -3.48
CA ILE A 152 -20.16 -13.54 -2.18
C ILE A 152 -19.02 -13.56 -1.19
N HIS A 153 -18.99 -12.56 -0.29
CA HIS A 153 -17.98 -12.52 0.76
C HIS A 153 -18.58 -12.81 2.14
N ALA A 154 -17.90 -13.59 3.03
CA ALA A 154 -18.39 -13.80 4.39
C ALA A 154 -17.44 -13.12 5.39
N ASN A 155 -17.39 -13.59 6.66
CA ASN A 155 -16.66 -12.92 7.70
C ASN A 155 -15.23 -12.75 7.23
N ASN A 156 -14.59 -13.86 6.83
CA ASN A 156 -13.21 -13.84 6.38
C ASN A 156 -12.98 -14.69 5.11
N ASP A 157 -13.96 -15.44 4.62
CA ASP A 157 -13.71 -16.30 3.47
C ASP A 157 -14.69 -15.90 2.39
N GLU A 158 -14.56 -16.56 1.21
CA GLU A 158 -15.36 -16.15 0.06
C GLU A 158 -16.15 -17.31 -0.53
N PRO A 159 -17.45 -17.42 -0.23
CA PRO A 159 -18.31 -18.46 -0.80
C PRO A 159 -18.34 -18.42 -2.34
N LEU A 160 -18.13 -17.23 -2.95
CA LEU A 160 -18.12 -17.11 -4.42
C LEU A 160 -17.16 -16.00 -4.86
N ARG A 161 -16.26 -16.36 -5.79
CA ARG A 161 -15.57 -15.29 -6.54
C ARG A 161 -15.85 -15.59 -8.00
N LEU A 162 -16.41 -14.63 -8.77
CA LEU A 162 -16.69 -14.92 -10.20
C LEU A 162 -15.62 -14.18 -11.02
N TYR A 163 -14.87 -14.94 -11.83
CA TYR A 163 -13.78 -14.38 -12.63
C TYR A 163 -14.11 -14.35 -14.12
N TYR A 164 -13.62 -13.31 -14.78
CA TYR A 164 -13.38 -13.26 -16.21
C TYR A 164 -11.87 -13.20 -16.39
N ARG A 165 -11.35 -14.02 -17.32
CA ARG A 165 -9.94 -13.94 -17.67
C ARG A 165 -9.78 -13.98 -19.19
N LYS A 166 -9.02 -13.03 -19.74
CA LYS A 166 -8.62 -13.11 -21.14
C LYS A 166 -7.09 -13.03 -21.25
N LEU A 167 -6.48 -13.99 -21.95
CA LEU A 167 -5.02 -14.08 -22.00
C LEU A 167 -4.58 -13.18 -23.14
N PRO A 168 -3.32 -12.67 -23.09
CA PRO A 168 -2.76 -11.81 -24.15
C PRO A 168 -2.90 -12.17 -25.63
N GLY A 169 -2.66 -13.45 -26.02
CA GLY A 169 -2.67 -13.66 -27.47
C GLY A 169 -4.02 -14.23 -27.92
N HIS A 170 -5.09 -14.04 -27.11
CA HIS A 170 -6.38 -14.67 -27.37
C HIS A 170 -7.38 -13.59 -27.75
N SER A 171 -8.27 -13.90 -28.66
CA SER A 171 -9.30 -12.95 -29.03
C SER A 171 -10.49 -13.08 -28.05
N LYS A 172 -10.59 -14.16 -27.23
CA LYS A 172 -11.76 -14.33 -26.36
C LYS A 172 -11.32 -14.76 -24.97
N GLY A 173 -12.23 -14.54 -24.00
CA GLY A 173 -11.92 -14.79 -22.59
C GLY A 173 -12.83 -15.84 -21.96
N SER A 174 -12.39 -16.30 -20.79
CA SER A 174 -12.99 -17.39 -20.06
C SER A 174 -13.80 -16.85 -18.88
N VAL A 175 -14.72 -17.69 -18.32
CA VAL A 175 -15.45 -17.34 -17.13
C VAL A 175 -15.32 -18.58 -16.22
N TYR A 176 -14.96 -18.39 -14.92
CA TYR A 176 -14.85 -19.48 -13.95
C TYR A 176 -15.13 -18.97 -12.55
N ILE A 177 -15.40 -19.91 -11.60
CA ILE A 177 -15.69 -19.51 -10.22
C ILE A 177 -14.78 -20.22 -9.22
N ALA A 178 -14.55 -19.58 -8.06
CA ALA A 178 -14.00 -20.22 -6.87
C ALA A 178 -15.10 -20.24 -5.81
N HIS A 179 -15.22 -21.38 -5.09
CA HIS A 179 -15.90 -21.48 -3.80
C HIS A 179 -14.89 -21.74 -2.70
N GLU A 180 -14.84 -20.86 -1.64
CA GLU A 180 -13.92 -21.10 -0.57
C GLU A 180 -14.71 -21.44 0.70
N PRO A 181 -14.57 -22.68 1.28
CA PRO A 181 -15.39 -23.04 2.45
C PRO A 181 -15.00 -22.12 3.61
N ASN A 182 -15.80 -22.13 4.69
CA ASN A 182 -15.46 -21.47 5.97
C ASN A 182 -14.18 -22.08 6.52
N GLY A 183 -13.04 -21.34 6.50
CA GLY A 183 -11.80 -21.88 7.02
C GLY A 183 -11.21 -22.92 6.07
N GLY A 184 -11.72 -23.01 4.82
CA GLY A 184 -11.31 -24.12 3.95
C GLY A 184 -10.47 -23.58 2.78
N SER A 185 -10.29 -24.36 1.72
CA SER A 185 -9.54 -23.82 0.59
C SER A 185 -10.36 -23.90 -0.71
N ASP A 186 -10.04 -22.97 -1.66
CA ASP A 186 -10.74 -22.77 -2.91
C ASP A 186 -10.96 -24.09 -3.65
N SER A 187 -12.23 -24.37 -4.07
CA SER A 187 -12.55 -25.27 -5.16
C SER A 187 -12.82 -24.45 -6.44
N TRP A 188 -12.39 -24.99 -7.59
CA TRP A 188 -12.48 -24.22 -8.82
C TRP A 188 -13.43 -24.92 -9.78
N TYR A 189 -14.18 -24.11 -10.55
CA TYR A 189 -15.14 -24.59 -11.54
C TYR A 189 -15.05 -23.69 -12.79
N ASP A 190 -14.55 -24.21 -13.91
CA ASP A 190 -14.59 -23.53 -15.21
C ASP A 190 -16.00 -23.54 -15.76
N MET A 191 -16.47 -22.39 -16.26
CA MET A 191 -17.85 -22.37 -16.76
C MET A 191 -17.83 -22.26 -18.29
N ILE A 192 -17.11 -21.26 -18.79
CA ILE A 192 -16.86 -21.00 -20.18
C ILE A 192 -15.35 -20.94 -20.40
N GLY A 193 -14.80 -21.80 -21.29
CA GLY A 193 -13.35 -21.86 -21.48
C GLY A 193 -12.64 -22.47 -20.28
N SER A 194 -11.54 -21.83 -19.85
CA SER A 194 -10.59 -22.38 -18.90
C SER A 194 -9.85 -21.28 -18.13
N ARG A 195 -9.62 -21.49 -16.81
CA ARG A 195 -8.83 -20.56 -16.00
C ARG A 195 -7.32 -20.71 -16.21
N SER A 196 -6.92 -21.76 -16.93
CA SER A 196 -5.51 -22.12 -17.01
C SER A 196 -4.74 -21.04 -17.77
N SER A 197 -3.51 -20.74 -17.27
CA SER A 197 -2.57 -19.76 -17.83
C SER A 197 -2.00 -20.23 -19.16
N SER A 198 -2.26 -21.50 -19.51
CA SER A 198 -1.84 -22.06 -20.79
C SER A 198 -3.02 -22.62 -21.58
N ALA A 199 -4.27 -22.22 -21.33
CA ALA A 199 -5.42 -22.61 -22.16
C ALA A 199 -5.27 -22.01 -23.55
N SER A 200 -5.84 -22.71 -24.55
CA SER A 200 -5.92 -22.11 -25.89
C SER A 200 -7.13 -21.17 -25.99
N ASP A 201 -7.25 -20.41 -27.07
CA ASP A 201 -8.26 -19.38 -27.27
C ASP A 201 -9.65 -20.01 -27.21
N PRO A 202 -10.50 -19.67 -26.20
CA PRO A 202 -11.76 -20.42 -26.03
C PRO A 202 -12.74 -20.11 -27.21
N SER A 203 -13.11 -21.10 -28.03
CA SER A 203 -13.90 -20.75 -29.21
C SER A 203 -15.29 -20.30 -28.76
N ASP A 204 -15.82 -20.75 -27.60
CA ASP A 204 -17.10 -20.28 -27.06
C ASP A 204 -16.93 -19.13 -26.05
N GLY A 205 -15.74 -18.49 -26.03
CA GLY A 205 -15.49 -17.55 -24.93
C GLY A 205 -16.12 -16.19 -25.17
N ILE A 206 -15.81 -15.25 -24.27
CA ILE A 206 -16.47 -13.96 -24.29
C ILE A 206 -15.41 -12.92 -24.66
N ALA A 207 -15.63 -12.13 -25.72
CA ALA A 207 -14.75 -11.06 -26.15
C ALA A 207 -14.80 -9.84 -25.21
N LEU A 208 -13.78 -8.97 -25.32
CA LEU A 208 -13.86 -7.63 -24.74
C LEU A 208 -15.09 -6.91 -25.35
N ASP A 209 -15.84 -6.14 -24.53
CA ASP A 209 -16.91 -5.31 -25.04
C ASP A 209 -18.14 -6.13 -25.34
N GLU A 210 -18.06 -7.46 -25.30
CA GLU A 210 -19.23 -8.32 -25.51
C GLU A 210 -20.15 -8.28 -24.28
N VAL A 211 -21.47 -8.05 -24.49
CA VAL A 211 -22.40 -7.93 -23.37
C VAL A 211 -22.81 -9.33 -22.90
N TRP A 212 -22.79 -9.54 -21.57
CA TRP A 212 -23.27 -10.80 -20.99
C TRP A 212 -23.90 -10.52 -19.62
N SER A 213 -24.47 -11.58 -19.02
CA SER A 213 -25.16 -11.42 -17.75
C SER A 213 -24.79 -12.56 -16.82
N TYR A 214 -24.80 -12.27 -15.51
CA TYR A 214 -24.60 -13.33 -14.58
C TYR A 214 -25.69 -13.27 -13.51
N GLU A 215 -25.92 -14.44 -12.87
CA GLU A 215 -26.78 -14.53 -11.70
C GLU A 215 -26.07 -15.41 -10.71
N VAL A 216 -25.83 -14.87 -9.51
CA VAL A 216 -25.34 -15.63 -8.37
C VAL A 216 -26.50 -15.80 -7.37
N LYS A 217 -26.92 -17.06 -7.08
CA LYS A 217 -28.04 -17.31 -6.20
C LYS A 217 -27.67 -18.37 -5.13
N VAL A 218 -28.12 -18.08 -3.90
CA VAL A 218 -28.04 -18.95 -2.75
C VAL A 218 -29.47 -19.24 -2.28
N VAL A 219 -29.81 -20.52 -2.24
CA VAL A 219 -30.97 -21.05 -1.50
C VAL A 219 -30.38 -22.10 -0.54
N GLY A 220 -30.45 -21.82 0.78
CA GLY A 220 -29.91 -22.75 1.76
C GLY A 220 -28.42 -22.97 1.53
N ASN A 221 -27.98 -24.24 1.47
CA ASN A 221 -26.57 -24.52 1.15
C ASN A 221 -26.34 -24.77 -0.35
N THR A 222 -27.27 -24.34 -1.25
CA THR A 222 -27.04 -24.51 -2.68
C THR A 222 -26.77 -23.16 -3.37
N LEU A 223 -25.57 -23.07 -3.97
CA LEU A 223 -25.14 -21.94 -4.81
C LEU A 223 -25.30 -22.26 -6.30
N THR A 224 -26.01 -21.41 -7.02
CA THR A 224 -26.09 -21.59 -8.45
C THR A 224 -25.56 -20.30 -9.10
N VAL A 225 -24.61 -20.46 -10.04
CA VAL A 225 -24.06 -19.39 -10.84
C VAL A 225 -24.53 -19.66 -12.27
N THR A 226 -25.14 -18.68 -12.91
CA THR A 226 -25.59 -18.78 -14.29
C THR A 226 -24.97 -17.64 -15.10
N ILE A 227 -24.45 -18.03 -16.27
CA ILE A 227 -24.01 -17.12 -17.30
C ILE A 227 -25.03 -17.05 -18.45
N PHE A 228 -25.62 -15.85 -18.67
CA PHE A 228 -26.60 -15.62 -19.74
C PHE A 228 -25.91 -14.86 -20.86
N ARG A 229 -26.18 -15.28 -22.10
CA ARG A 229 -25.66 -14.65 -23.32
C ARG A 229 -26.75 -14.71 -24.39
N ALA A 230 -27.18 -13.55 -24.95
CA ALA A 230 -28.02 -13.50 -26.15
C ALA A 230 -27.65 -14.55 -27.21
N GLY A 231 -28.61 -15.34 -27.70
CA GLY A 231 -28.41 -16.33 -28.76
C GLY A 231 -27.67 -17.60 -28.33
N LYS A 232 -27.45 -17.78 -27.03
CA LYS A 232 -26.68 -18.95 -26.58
C LYS A 232 -27.41 -19.52 -25.41
N ASP A 233 -27.31 -20.83 -25.18
CA ASP A 233 -27.91 -21.41 -24.00
C ASP A 233 -27.22 -20.85 -22.75
N ASP A 234 -27.99 -20.85 -21.64
CA ASP A 234 -27.44 -20.44 -20.35
C ASP A 234 -26.35 -21.43 -19.96
N VAL A 235 -25.35 -20.97 -19.21
CA VAL A 235 -24.32 -21.86 -18.64
C VAL A 235 -24.54 -21.81 -17.12
N VAL A 236 -24.68 -22.99 -16.47
CA VAL A 236 -25.10 -23.06 -15.07
C VAL A 236 -24.10 -23.89 -14.29
N GLN A 237 -23.58 -23.36 -13.16
CA GLN A 237 -22.75 -24.21 -12.33
C GLN A 237 -23.41 -24.29 -10.95
N VAL A 238 -23.76 -25.47 -10.46
CA VAL A 238 -24.31 -25.61 -9.11
C VAL A 238 -23.16 -26.01 -8.17
N VAL A 239 -23.08 -25.37 -6.98
CA VAL A 239 -22.08 -25.72 -5.97
C VAL A 239 -22.78 -26.11 -4.65
N ASP A 240 -22.56 -27.37 -4.25
CA ASP A 240 -23.08 -27.88 -2.98
C ASP A 240 -22.18 -27.42 -1.84
N MET A 241 -22.69 -26.55 -0.96
CA MET A 241 -21.92 -25.93 0.11
C MET A 241 -22.22 -26.60 1.44
N GLY A 242 -22.90 -27.77 1.39
CA GLY A 242 -23.34 -28.54 2.56
C GLY A 242 -22.19 -28.83 3.52
N ASN A 243 -20.95 -28.99 3.01
CA ASN A 243 -19.79 -29.20 3.87
C ASN A 243 -18.96 -27.93 4.11
N SER A 244 -19.51 -26.75 3.84
CA SER A 244 -18.75 -25.51 3.73
C SER A 244 -18.75 -24.74 5.06
N GLY A 245 -19.68 -25.10 5.98
CA GLY A 245 -19.64 -24.51 7.31
C GLY A 245 -20.16 -23.07 7.34
N TYR A 246 -21.08 -22.77 6.41
CA TYR A 246 -21.64 -21.41 6.41
C TYR A 246 -23.02 -21.40 7.02
N ASP A 247 -23.53 -22.59 7.35
CA ASP A 247 -24.87 -22.82 7.87
C ASP A 247 -24.79 -22.67 9.40
N VAL A 248 -24.01 -21.69 9.90
CA VAL A 248 -23.77 -21.49 11.32
C VAL A 248 -24.17 -20.09 11.75
N ALA A 249 -24.28 -19.92 13.06
CA ALA A 249 -24.84 -18.70 13.60
C ALA A 249 -23.91 -17.49 13.51
N ASP A 250 -22.60 -17.68 13.42
CA ASP A 250 -21.71 -16.50 13.51
C ASP A 250 -21.26 -15.92 12.14
N GLN A 251 -21.69 -16.56 11.02
CA GLN A 251 -21.35 -16.16 9.64
C GLN A 251 -22.33 -15.09 9.11
N TYR A 252 -21.79 -13.98 8.58
CA TYR A 252 -22.60 -13.01 7.80
C TYR A 252 -22.07 -12.92 6.35
N GLN A 253 -22.92 -12.46 5.42
CA GLN A 253 -22.62 -12.59 4.00
C GLN A 253 -22.91 -11.22 3.38
N TYR A 254 -22.14 -10.86 2.35
CA TYR A 254 -22.51 -9.71 1.54
C TYR A 254 -22.10 -9.97 0.10
N PHE A 255 -22.91 -9.46 -0.84
CA PHE A 255 -22.49 -9.40 -2.24
C PHE A 255 -21.41 -8.34 -2.44
N LYS A 256 -20.55 -8.56 -3.47
CA LYS A 256 -19.65 -7.54 -4.05
C LYS A 256 -19.84 -7.55 -5.56
N ALA A 257 -19.66 -6.39 -6.20
CA ALA A 257 -19.81 -6.34 -7.66
C ALA A 257 -19.01 -5.13 -8.15
N GLY A 258 -18.42 -5.23 -9.34
CA GLY A 258 -17.48 -4.25 -9.86
C GLY A 258 -16.25 -4.91 -10.51
N VAL A 259 -15.04 -4.36 -10.23
CA VAL A 259 -13.79 -4.95 -10.70
C VAL A 259 -12.83 -5.14 -9.49
N TYR A 260 -12.35 -6.39 -9.35
CA TYR A 260 -11.29 -6.67 -8.39
C TYR A 260 -10.13 -7.17 -9.28
N ASN A 261 -9.06 -6.34 -9.38
CA ASN A 261 -7.91 -6.52 -10.27
C ASN A 261 -6.92 -7.55 -9.69
N GLN A 262 -6.97 -8.81 -10.21
CA GLN A 262 -6.16 -9.92 -9.74
C GLN A 262 -4.78 -9.95 -10.40
N ASN A 263 -4.07 -8.82 -10.28
CA ASN A 263 -2.75 -8.60 -10.84
C ASN A 263 -2.05 -7.57 -9.98
N ASN A 264 -0.89 -7.98 -9.40
CA ASN A 264 -0.05 -7.06 -8.64
C ASN A 264 1.37 -7.09 -9.19
N THR A 265 1.57 -7.51 -10.44
CA THR A 265 2.91 -7.73 -10.94
C THR A 265 3.12 -7.00 -12.26
N GLY A 266 2.06 -6.56 -12.98
CA GLY A 266 2.13 -5.77 -14.21
C GLY A 266 2.46 -4.29 -14.04
N ASN A 267 2.40 -3.53 -15.14
CA ASN A 267 2.69 -2.11 -15.05
C ASN A 267 1.71 -1.41 -14.11
N ALA A 268 2.25 -0.48 -13.28
CA ALA A 268 1.45 0.43 -12.42
C ALA A 268 0.15 0.94 -13.05
N SER A 269 0.24 1.49 -14.27
CA SER A 269 -0.93 2.04 -14.93
C SER A 269 -1.70 1.05 -15.83
N ASP A 270 -1.25 -0.22 -15.96
CA ASP A 270 -2.13 -1.24 -16.56
C ASP A 270 -3.39 -1.35 -15.67
N TYR A 271 -4.49 -1.92 -16.21
CA TYR A 271 -5.77 -1.77 -15.51
C TYR A 271 -6.79 -2.77 -16.00
N VAL A 272 -7.87 -2.96 -15.23
CA VAL A 272 -9.11 -3.60 -15.65
C VAL A 272 -10.22 -2.52 -15.71
N GLN A 273 -11.18 -2.74 -16.60
CA GLN A 273 -12.31 -1.85 -16.72
C GLN A 273 -13.53 -2.70 -17.11
N VAL A 274 -14.63 -2.62 -16.32
CA VAL A 274 -15.87 -3.26 -16.75
C VAL A 274 -17.06 -2.27 -16.65
N THR A 275 -17.93 -2.23 -17.68
CA THR A 275 -19.15 -1.39 -17.66
C THR A 275 -20.35 -2.28 -17.34
N PHE A 276 -21.07 -1.91 -16.28
CA PHE A 276 -22.30 -2.60 -15.98
C PHE A 276 -23.51 -1.87 -16.58
N TYR A 277 -24.49 -2.68 -16.96
CA TYR A 277 -25.73 -2.27 -17.60
C TYR A 277 -26.98 -2.57 -16.76
N ALA A 278 -26.85 -3.43 -15.76
CA ALA A 278 -27.92 -3.82 -14.87
C ALA A 278 -27.23 -4.40 -13.64
N LEU A 279 -27.79 -4.11 -12.46
CA LEU A 279 -27.18 -4.56 -11.22
C LEU A 279 -28.28 -4.61 -10.17
N GLU A 280 -28.73 -5.84 -9.77
CA GLU A 280 -29.77 -6.01 -8.74
C GLU A 280 -29.33 -7.01 -7.68
N GLN A 281 -29.55 -6.65 -6.40
CA GLN A 281 -29.29 -7.52 -5.27
C GLN A 281 -30.63 -7.70 -4.55
N SER A 282 -30.93 -8.94 -4.12
CA SER A 282 -32.15 -9.17 -3.37
C SER A 282 -31.99 -10.33 -2.35
N HIS A 283 -32.89 -10.31 -1.34
CA HIS A 283 -32.85 -11.30 -0.28
C HIS A 283 -34.25 -11.76 0.14
N ASP A 284 -34.32 -12.97 0.69
CA ASP A 284 -35.40 -13.93 0.94
C ASP A 284 -35.90 -14.79 -0.26
N LEU B 8 29.65 -3.67 21.15
CA LEU B 8 29.32 -4.02 19.74
C LEU B 8 30.22 -5.18 19.32
N ASP B 9 29.60 -6.32 18.97
CA ASP B 9 30.35 -7.54 18.67
C ASP B 9 30.58 -7.72 17.16
N PRO B 10 31.85 -7.78 16.64
CA PRO B 10 32.04 -7.97 15.21
C PRO B 10 31.58 -9.35 14.73
N ASN B 11 31.30 -10.27 15.67
CA ASN B 11 30.84 -11.60 15.28
C ASN B 11 29.33 -11.75 15.38
N LEU B 12 28.57 -10.66 15.66
CA LEU B 12 27.12 -10.70 15.71
C LEU B 12 26.56 -9.83 14.56
N PRO B 13 25.35 -10.16 14.08
CA PRO B 13 24.72 -9.41 12.99
C PRO B 13 24.16 -8.09 13.56
N PRO B 14 23.83 -7.11 12.69
CA PRO B 14 23.32 -5.82 13.17
C PRO B 14 22.20 -5.98 14.18
N SER B 15 21.24 -6.87 13.92
CA SER B 15 20.04 -7.03 14.74
C SER B 15 20.36 -7.61 16.15
N SER B 16 21.62 -8.04 16.41
CA SER B 16 22.01 -8.42 17.76
C SER B 16 22.83 -7.32 18.39
N ASN B 17 23.37 -6.42 17.57
CA ASN B 17 24.23 -5.33 18.09
C ASN B 17 23.42 -4.07 18.40
N PHE B 18 22.19 -4.01 17.89
CA PHE B 18 21.28 -2.87 17.91
C PHE B 18 19.90 -3.46 18.08
N ASP B 19 18.99 -2.62 18.57
CA ASP B 19 17.60 -3.01 18.59
C ASP B 19 16.99 -2.52 17.29
N LEU B 20 16.85 -3.49 16.37
CA LEU B 20 16.28 -3.24 15.06
C LEU B 20 14.82 -3.67 14.96
N SER B 21 14.16 -3.94 16.11
CA SER B 21 12.83 -4.52 16.08
C SER B 21 11.77 -3.59 15.45
N ALA B 22 11.96 -2.25 15.58
CA ALA B 22 10.94 -1.35 15.02
C ALA B 22 11.42 -0.73 13.69
N TRP B 23 12.00 -1.54 12.80
CA TRP B 23 12.54 -1.05 11.52
C TRP B 23 12.40 -2.16 10.50
N TYR B 24 12.32 -1.76 9.23
CA TYR B 24 12.59 -2.64 8.09
C TYR B 24 13.72 -2.06 7.26
N LEU B 25 14.40 -2.88 6.44
CA LEU B 25 15.52 -2.38 5.67
C LEU B 25 15.18 -2.37 4.17
N SER B 26 15.65 -1.29 3.48
CA SER B 26 15.62 -1.27 2.05
C SER B 26 17.03 -1.43 1.49
N VAL B 27 17.26 -2.41 0.58
CA VAL B 27 18.51 -2.57 -0.14
C VAL B 27 18.28 -2.44 -1.65
N PRO B 28 19.23 -1.81 -2.38
CA PRO B 28 19.00 -1.39 -3.77
C PRO B 28 19.15 -2.50 -4.81
N THR B 29 18.54 -3.64 -4.50
CA THR B 29 18.65 -4.85 -5.29
C THR B 29 17.25 -5.22 -5.77
N ASP B 30 17.13 -6.12 -6.75
CA ASP B 30 15.80 -6.57 -7.20
C ASP B 30 15.78 -8.10 -7.31
N ASN B 31 15.72 -8.81 -6.19
CA ASN B 31 15.73 -10.25 -6.17
C ASN B 31 14.32 -10.80 -6.35
N ASN B 32 13.27 -9.98 -6.26
CA ASN B 32 11.95 -10.51 -6.59
C ASN B 32 11.44 -10.11 -7.98
N GLY B 33 12.24 -9.46 -8.82
CA GLY B 33 11.87 -9.04 -10.18
C GLY B 33 10.74 -8.01 -10.34
N ASP B 34 10.50 -7.13 -9.34
CA ASP B 34 9.42 -6.16 -9.46
C ASP B 34 9.87 -4.79 -9.99
N GLY B 35 11.16 -4.67 -10.34
CA GLY B 35 11.84 -3.47 -10.78
C GLY B 35 12.15 -2.48 -9.65
N LYS B 36 11.91 -2.88 -8.40
CA LYS B 36 12.07 -1.98 -7.27
C LYS B 36 13.14 -2.51 -6.32
N ALA B 37 13.45 -1.66 -5.31
CA ALA B 37 14.45 -2.01 -4.32
C ALA B 37 13.77 -3.11 -3.51
N ASP B 38 14.58 -3.98 -2.89
CA ASP B 38 14.06 -5.05 -2.05
C ASP B 38 13.87 -4.56 -0.61
N SER B 39 12.80 -5.03 0.04
CA SER B 39 12.54 -4.77 1.45
C SER B 39 12.91 -5.96 2.34
N ILE B 40 13.77 -5.80 3.36
CA ILE B 40 13.99 -6.85 4.34
C ILE B 40 13.05 -6.51 5.50
N LYS B 41 11.88 -7.20 5.58
CA LYS B 41 10.84 -7.00 6.58
C LYS B 41 11.38 -7.24 8.01
N GLU B 42 10.69 -6.69 9.01
CA GLU B 42 11.19 -6.75 10.38
C GLU B 42 11.58 -8.19 10.75
N ASN B 43 10.81 -9.17 10.28
CA ASN B 43 11.05 -10.56 10.67
C ASN B 43 12.42 -11.08 10.23
N ASP B 44 12.79 -10.79 8.96
CA ASP B 44 14.05 -11.21 8.45
C ASP B 44 15.17 -10.38 9.02
N LEU B 45 14.95 -9.04 9.08
CA LEU B 45 15.95 -8.13 9.55
C LEU B 45 16.44 -8.56 10.97
N ASN B 46 15.47 -8.86 11.86
CA ASN B 46 15.73 -9.19 13.24
C ASN B 46 16.11 -10.67 13.42
N ALA B 47 16.17 -11.48 12.31
CA ALA B 47 16.71 -12.83 12.39
C ALA B 47 18.21 -12.77 12.12
N GLY B 48 18.78 -11.56 12.01
CA GLY B 48 20.22 -11.49 11.76
C GLY B 48 20.61 -11.21 10.30
N TYR B 49 19.76 -10.51 9.51
CA TYR B 49 20.07 -10.17 8.13
C TYR B 49 21.36 -9.36 8.05
N ALA B 50 22.29 -9.80 7.18
CA ALA B 50 23.44 -9.03 6.69
C ALA B 50 23.88 -9.69 5.37
N ASP B 51 24.25 -8.86 4.40
CA ASP B 51 24.45 -9.41 3.07
C ASP B 51 25.90 -9.19 2.63
N GLY B 52 26.77 -8.71 3.50
CA GLY B 52 28.15 -8.45 3.12
C GLY B 52 28.33 -7.39 2.02
N THR B 53 27.27 -6.74 1.53
CA THR B 53 27.41 -5.84 0.37
C THR B 53 26.88 -4.43 0.67
N TYR B 54 25.70 -4.36 1.25
CA TYR B 54 25.00 -3.13 1.53
C TYR B 54 24.83 -2.89 3.01
N PHE B 55 24.68 -3.97 3.79
CA PHE B 55 24.28 -3.92 5.18
C PHE B 55 25.00 -5.08 5.86
N TYR B 56 25.91 -4.78 6.79
CA TYR B 56 26.67 -5.83 7.44
C TYR B 56 27.33 -5.29 8.71
N THR B 57 27.84 -6.22 9.54
CA THR B 57 28.63 -5.84 10.72
C THR B 57 30.07 -5.54 10.28
N ALA B 58 30.61 -4.39 10.69
CA ALA B 58 32.01 -3.99 10.50
C ALA B 58 32.98 -4.75 11.44
N ALA B 59 34.30 -4.74 11.14
CA ALA B 59 35.31 -5.42 11.97
C ALA B 59 35.31 -4.88 13.41
N ASP B 60 34.71 -3.70 13.66
CA ASP B 60 34.54 -3.13 15.01
C ASP B 60 33.14 -3.34 15.58
N GLY B 61 32.27 -4.10 14.92
CA GLY B 61 30.94 -4.32 15.49
C GLY B 61 29.93 -3.29 14.96
N GLY B 62 30.38 -2.22 14.29
CA GLY B 62 29.46 -1.16 13.87
C GLY B 62 28.50 -1.65 12.78
N MET B 63 27.30 -1.02 12.62
CA MET B 63 26.39 -1.42 11.56
C MET B 63 26.64 -0.55 10.30
N VAL B 64 27.08 -1.20 9.24
CA VAL B 64 27.44 -0.49 8.00
C VAL B 64 26.26 -0.49 7.02
N PHE B 65 26.04 0.67 6.43
CA PHE B 65 25.13 0.88 5.31
C PHE B 65 26.02 1.36 4.17
N ARG B 66 25.97 0.62 3.04
CA ARG B 66 26.80 1.00 1.91
C ARG B 66 25.88 0.97 0.70
N CYS B 67 26.04 1.96 -0.20
CA CYS B 67 25.03 2.13 -1.23
C CYS B 67 25.66 2.70 -2.48
N PRO B 68 25.70 1.92 -3.60
CA PRO B 68 26.22 2.46 -4.84
C PRO B 68 25.20 3.43 -5.48
N ILE B 69 25.69 4.25 -6.43
CA ILE B 69 24.92 5.18 -7.25
C ILE B 69 23.89 4.41 -8.07
N ASP B 70 24.37 3.31 -8.66
CA ASP B 70 23.57 2.54 -9.59
C ASP B 70 22.94 1.42 -8.82
N GLY B 71 21.61 1.26 -8.93
CA GLY B 71 20.87 0.18 -8.27
C GLY B 71 19.35 0.39 -8.41
N TYR B 72 18.58 -0.49 -7.78
CA TYR B 72 17.11 -0.38 -7.83
C TYR B 72 16.63 0.59 -6.77
N LYS B 73 15.56 1.27 -7.13
CA LYS B 73 15.05 2.36 -6.30
C LYS B 73 13.66 2.00 -5.80
N THR B 74 13.23 2.71 -4.74
CA THR B 74 11.97 2.44 -4.06
C THR B 74 10.73 2.66 -4.94
N SER B 75 10.69 3.65 -5.85
CA SER B 75 9.56 3.73 -6.76
C SER B 75 10.03 4.20 -8.14
N THR B 76 9.14 4.18 -9.14
CA THR B 76 9.52 4.43 -10.54
C THR B 76 10.07 5.85 -10.69
N ASN B 77 9.46 6.82 -9.98
CA ASN B 77 10.06 8.11 -9.63
C ASN B 77 11.35 7.79 -8.87
N THR B 78 11.54 8.29 -7.64
CA THR B 78 12.82 8.07 -6.95
C THR B 78 14.03 8.26 -7.89
N SER B 79 14.78 9.33 -7.61
CA SER B 79 16.00 9.64 -8.32
C SER B 79 17.16 8.79 -7.79
N TYR B 80 17.17 8.50 -6.47
CA TYR B 80 18.39 8.01 -5.81
C TYR B 80 18.19 6.63 -5.15
N THR B 81 19.31 5.92 -5.03
CA THR B 81 19.39 4.61 -4.38
C THR B 81 19.53 4.86 -2.88
N ARG B 82 19.13 3.86 -2.08
CA ARG B 82 19.35 3.96 -0.65
C ARG B 82 19.69 2.57 -0.13
N THR B 83 20.36 2.50 1.03
CA THR B 83 20.35 1.31 1.91
C THR B 83 19.95 1.91 3.25
N GLU B 84 18.69 1.73 3.64
CA GLU B 84 18.13 2.66 4.61
C GLU B 84 17.02 1.91 5.35
N LEU B 85 16.94 2.15 6.66
CA LEU B 85 15.88 1.67 7.55
C LEU B 85 14.64 2.59 7.53
N ARG B 86 13.45 1.96 7.60
CA ARG B 86 12.17 2.66 7.61
C ARG B 86 11.47 2.28 8.90
N GLU B 87 11.07 3.22 9.79
CA GLU B 87 10.57 2.86 11.10
C GLU B 87 9.19 2.22 10.99
N MET B 88 8.95 1.21 11.84
CA MET B 88 7.80 0.29 11.83
C MET B 88 7.36 0.12 13.30
N LEU B 89 6.30 0.83 13.71
CA LEU B 89 5.84 0.73 15.09
C LEU B 89 4.86 -0.45 15.29
N ARG B 90 4.48 -1.20 14.25
CA ARG B 90 3.40 -2.19 14.38
C ARG B 90 3.72 -3.42 15.24
N ARG B 91 4.97 -3.62 15.71
CA ARG B 91 5.31 -4.65 16.69
C ARG B 91 4.89 -6.04 16.17
N GLY B 92 5.19 -6.33 14.86
CA GLY B 92 4.86 -7.52 14.07
C GLY B 92 3.37 -7.69 13.74
N ASP B 93 2.53 -6.81 14.25
CA ASP B 93 1.16 -6.95 13.85
C ASP B 93 1.03 -6.56 12.37
N THR B 94 1.12 -7.55 11.44
CA THR B 94 1.18 -7.31 10.02
C THR B 94 -0.20 -7.08 9.46
N SER B 95 -1.23 -7.16 10.30
CA SER B 95 -2.56 -6.67 9.92
C SER B 95 -2.66 -5.14 9.97
N ILE B 96 -1.66 -4.41 10.46
CA ILE B 96 -1.61 -2.95 10.38
C ILE B 96 -0.78 -2.54 9.14
N ALA B 97 -1.39 -1.69 8.28
CA ALA B 97 -0.76 -1.27 7.02
C ALA B 97 0.50 -0.45 7.32
N THR B 98 1.52 -0.62 6.45
CA THR B 98 2.80 0.08 6.60
C THR B 98 2.57 1.61 6.65
N GLN B 99 1.70 2.08 5.74
CA GLN B 99 1.32 3.50 5.62
C GLN B 99 0.08 3.78 6.44
N GLY B 100 -0.13 5.02 6.89
CA GLY B 100 -1.40 5.36 7.52
C GLY B 100 -1.26 5.92 8.93
N VAL B 101 -2.16 6.83 9.29
CA VAL B 101 -2.22 7.24 10.70
C VAL B 101 -2.81 6.04 11.45
N ASN B 102 -1.93 5.15 11.95
CA ASN B 102 -2.36 3.85 12.45
C ASN B 102 -1.30 3.39 13.45
N GLY B 103 -1.38 2.10 13.90
CA GLY B 103 -0.45 1.65 14.93
C GLY B 103 1.01 1.42 14.48
N ASN B 104 1.29 1.59 13.18
CA ASN B 104 2.63 1.45 12.60
C ASN B 104 3.38 2.79 12.57
N ASN B 105 2.65 3.91 12.72
CA ASN B 105 3.32 5.19 12.46
C ASN B 105 3.10 6.11 13.66
N TRP B 106 3.77 7.27 13.71
CA TRP B 106 3.51 8.28 14.74
C TRP B 106 3.00 9.59 14.12
N VAL B 107 2.58 10.52 15.01
CA VAL B 107 2.06 11.83 14.63
C VAL B 107 2.69 12.86 15.56
N PHE B 108 2.78 14.13 15.11
CA PHE B 108 3.22 15.23 15.96
C PHE B 108 2.20 15.43 17.10
N GLY B 109 2.69 15.80 18.28
CA GLY B 109 1.84 16.11 19.44
C GLY B 109 0.75 17.15 19.11
N SER B 110 0.95 17.95 18.05
CA SER B 110 0.06 19.07 17.68
C SER B 110 -1.09 18.56 16.82
N ALA B 111 -1.05 17.29 16.38
CA ALA B 111 -2.12 16.79 15.53
C ALA B 111 -3.38 16.61 16.39
N PRO B 112 -4.58 16.47 15.79
CA PRO B 112 -5.82 16.32 16.58
C PRO B 112 -5.87 15.04 17.43
N ALA B 113 -6.77 15.05 18.44
CA ALA B 113 -6.73 13.98 19.44
C ALA B 113 -6.98 12.60 18.79
N SER B 114 -7.91 12.51 17.82
CA SER B 114 -8.25 11.28 17.15
C SER B 114 -7.06 10.72 16.33
N ALA B 115 -6.20 11.60 15.78
CA ALA B 115 -4.96 11.16 15.13
C ALA B 115 -3.99 10.66 16.22
N ARG B 116 -3.88 11.41 17.34
CA ARG B 116 -3.04 10.92 18.43
C ARG B 116 -3.51 9.56 18.99
N GLU B 117 -4.81 9.41 19.17
CA GLU B 117 -5.33 8.15 19.70
C GLU B 117 -5.09 7.03 18.68
N ALA B 118 -5.16 7.28 17.34
CA ALA B 118 -5.12 6.21 16.35
C ALA B 118 -3.67 5.77 16.08
N ALA B 119 -2.71 6.64 16.38
CA ALA B 119 -1.31 6.49 16.01
C ALA B 119 -0.65 5.45 16.92
N GLY B 120 0.52 4.94 16.48
CA GLY B 120 1.32 4.05 17.29
C GLY B 120 2.30 4.81 18.18
N GLY B 121 2.43 6.15 17.97
CA GLY B 121 3.26 6.98 18.85
C GLY B 121 2.94 8.48 18.66
N VAL B 122 3.27 9.31 19.65
CA VAL B 122 2.95 10.73 19.62
C VAL B 122 4.25 11.46 19.87
N ASP B 123 4.65 12.37 18.92
CA ASP B 123 5.97 13.04 18.98
C ASP B 123 7.08 11.99 18.79
N GLY B 124 8.35 12.43 18.83
CA GLY B 124 9.37 11.40 18.61
C GLY B 124 10.79 11.89 18.75
N VAL B 125 11.68 10.94 19.02
CA VAL B 125 13.11 11.25 19.14
C VAL B 125 13.90 10.17 18.41
N LEU B 126 14.81 10.63 17.53
CA LEU B 126 15.73 9.71 16.83
C LEU B 126 17.14 10.13 17.24
N ARG B 127 17.98 9.17 17.68
CA ARG B 127 19.34 9.43 18.12
C ARG B 127 20.24 8.43 17.44
N ALA B 128 21.45 8.88 17.09
CA ALA B 128 22.36 7.99 16.39
C ALA B 128 23.75 8.49 16.70
N THR B 129 24.72 7.57 16.67
CA THR B 129 26.13 7.90 16.58
C THR B 129 26.65 7.15 15.35
N LEU B 130 27.52 7.80 14.59
CA LEU B 130 27.87 7.29 13.29
C LEU B 130 29.17 7.95 12.86
N ALA B 131 29.74 7.44 11.80
CA ALA B 131 30.89 8.03 11.14
C ALA B 131 30.63 7.80 9.67
N VAL B 132 30.78 8.85 8.85
CA VAL B 132 30.65 8.68 7.41
C VAL B 132 32.00 8.20 6.88
N ASN B 133 32.05 7.01 6.28
CA ASN B 133 33.29 6.41 5.81
C ASN B 133 33.60 6.88 4.39
N HIS B 134 32.54 7.15 3.59
CA HIS B 134 32.76 7.49 2.20
C HIS B 134 31.54 8.18 1.60
N VAL B 135 31.79 9.14 0.71
CA VAL B 135 30.68 9.70 -0.09
C VAL B 135 31.11 9.64 -1.55
N THR B 136 30.16 9.84 -2.45
CA THR B 136 30.50 9.91 -3.87
C THR B 136 31.48 11.08 -4.15
N THR B 137 32.40 10.83 -5.10
CA THR B 137 33.48 11.75 -5.52
C THR B 137 33.39 12.02 -7.00
N THR B 138 32.36 11.46 -7.71
CA THR B 138 32.18 11.59 -9.16
C THR B 138 30.78 12.09 -9.50
N GLY B 139 30.58 12.46 -10.77
CA GLY B 139 29.30 12.94 -11.31
C GLY B 139 29.10 14.44 -11.16
N ASP B 140 27.85 14.93 -11.28
CA ASP B 140 27.58 16.37 -11.37
C ASP B 140 27.95 17.09 -10.08
N SER B 141 28.60 18.27 -10.20
CA SER B 141 29.12 19.02 -9.07
C SER B 141 27.97 19.43 -8.13
N GLY B 142 26.74 19.47 -8.66
CA GLY B 142 25.55 19.83 -7.89
C GLY B 142 25.06 18.70 -6.97
N GLN B 143 25.55 17.48 -7.17
CA GLN B 143 25.10 16.26 -6.49
C GLN B 143 26.20 15.67 -5.64
N VAL B 144 27.47 15.78 -6.11
CA VAL B 144 28.62 15.03 -5.58
C VAL B 144 28.72 15.16 -4.06
N GLY B 145 28.94 14.03 -3.39
CA GLY B 145 29.40 14.11 -2.01
C GLY B 145 28.30 14.09 -0.96
N ARG B 146 27.03 13.94 -1.40
CA ARG B 146 25.90 14.03 -0.46
C ARG B 146 25.33 12.65 -0.08
N VAL B 147 25.06 12.53 1.23
CA VAL B 147 24.35 11.41 1.80
C VAL B 147 23.40 11.95 2.89
N ILE B 148 22.13 11.55 2.80
CA ILE B 148 21.21 11.72 3.92
C ILE B 148 21.38 10.51 4.85
N VAL B 149 21.45 10.81 6.17
CA VAL B 149 21.70 9.82 7.22
C VAL B 149 20.56 9.75 8.25
N GLY B 150 19.54 10.61 8.10
CA GLY B 150 18.40 10.55 9.00
C GLY B 150 17.24 11.36 8.44
N GLN B 151 16.01 10.87 8.66
CA GLN B 151 14.85 11.57 8.10
C GLN B 151 13.66 11.45 9.05
N ILE B 152 12.75 12.42 8.97
CA ILE B 152 11.35 12.26 9.31
C ILE B 152 10.67 12.32 7.96
N HIS B 153 9.90 11.26 7.65
CA HIS B 153 9.16 11.14 6.42
C HIS B 153 7.64 11.10 6.73
N ALA B 154 6.84 11.89 6.01
CA ALA B 154 5.37 11.91 6.15
C ALA B 154 4.75 11.23 4.91
N ASN B 155 3.44 11.44 4.66
CA ASN B 155 2.75 10.74 3.59
C ASN B 155 3.55 10.92 2.30
N ASN B 156 3.83 12.19 1.93
CA ASN B 156 4.39 12.51 0.62
C ASN B 156 5.60 13.42 0.73
N ASP B 157 5.76 14.09 1.87
CA ASP B 157 6.78 15.12 2.05
C ASP B 157 7.66 14.75 3.25
N GLU B 158 8.77 15.48 3.49
CA GLU B 158 9.65 15.08 4.57
C GLU B 158 9.86 16.26 5.54
N PRO B 159 9.26 16.20 6.76
CA PRO B 159 9.56 17.22 7.76
C PRO B 159 11.06 17.41 8.04
N LEU B 160 11.92 16.36 7.89
CA LEU B 160 13.34 16.51 8.15
C LEU B 160 14.15 15.59 7.25
N ARG B 161 15.20 16.14 6.63
CA ARG B 161 16.17 15.26 5.96
C ARG B 161 17.55 15.75 6.38
N LEU B 162 18.33 14.85 7.03
CA LEU B 162 19.60 15.27 7.62
C LEU B 162 20.77 14.86 6.70
N TYR B 163 21.51 15.86 6.18
CA TYR B 163 22.55 15.64 5.18
C TYR B 163 23.96 15.82 5.73
N TYR B 164 24.83 14.95 5.26
CA TYR B 164 26.25 15.18 5.35
C TYR B 164 26.72 15.35 3.90
N ARG B 165 27.65 16.29 3.67
CA ARG B 165 28.20 16.44 2.34
C ARG B 165 29.69 16.74 2.50
N LYS B 166 30.50 16.05 1.69
CA LYS B 166 31.93 16.38 1.62
C LYS B 166 32.30 16.48 0.15
N LEU B 167 32.94 17.57 -0.27
CA LEU B 167 33.26 17.80 -1.68
C LEU B 167 34.58 17.11 -1.98
N PRO B 168 34.80 16.77 -3.27
CA PRO B 168 35.93 15.91 -3.62
C PRO B 168 37.26 16.52 -3.18
N GLY B 169 37.47 17.81 -3.38
CA GLY B 169 38.74 18.33 -2.87
C GLY B 169 38.94 18.04 -1.37
N HIS B 170 37.91 18.42 -0.61
CA HIS B 170 38.01 18.88 0.78
C HIS B 170 38.40 17.79 1.75
N SER B 171 39.01 18.22 2.87
CA SER B 171 39.40 17.40 3.98
C SER B 171 38.24 17.23 4.99
N LYS B 172 37.29 18.18 5.04
CA LYS B 172 36.21 18.00 5.98
C LYS B 172 34.85 18.24 5.29
N GLY B 173 33.79 17.67 5.88
CA GLY B 173 32.45 17.83 5.35
C GLY B 173 31.54 18.74 6.17
N SER B 174 30.35 19.06 5.59
CA SER B 174 29.35 19.89 6.22
C SER B 174 28.13 19.08 6.66
N VAL B 175 27.31 19.73 7.51
CA VAL B 175 26.05 19.13 7.97
C VAL B 175 24.92 20.14 7.74
N TYR B 176 23.82 19.70 7.15
CA TYR B 176 22.73 20.62 6.92
C TYR B 176 21.40 19.84 6.86
N ILE B 177 20.30 20.56 7.14
CA ILE B 177 18.98 19.96 7.12
C ILE B 177 18.05 20.67 6.15
N ALA B 178 17.03 19.92 5.72
CA ALA B 178 15.89 20.44 5.01
C ALA B 178 14.63 20.20 5.85
N HIS B 179 13.71 21.18 5.88
CA HIS B 179 12.37 20.93 6.39
C HIS B 179 11.42 21.13 5.21
N GLU B 180 10.67 20.08 4.86
CA GLU B 180 9.70 20.28 3.78
C GLU B 180 8.28 20.36 4.40
N PRO B 181 7.56 21.51 4.29
CA PRO B 181 6.16 21.57 4.77
C PRO B 181 5.24 20.67 3.95
N ASN B 182 4.11 20.26 4.56
CA ASN B 182 3.12 19.44 3.89
C ASN B 182 2.61 20.18 2.64
N GLY B 183 2.89 19.65 1.42
CA GLY B 183 2.56 20.31 0.15
C GLY B 183 3.44 21.52 -0.15
N GLY B 184 4.61 21.65 0.53
CA GLY B 184 5.42 22.87 0.52
C GLY B 184 6.80 22.67 -0.14
N SER B 185 7.68 23.66 -0.03
CA SER B 185 9.04 23.51 -0.54
C SER B 185 10.07 23.44 0.55
N ASP B 186 11.19 22.79 0.18
CA ASP B 186 12.29 22.68 1.13
C ASP B 186 12.67 24.04 1.73
N SER B 187 12.77 24.14 3.08
CA SER B 187 13.54 25.16 3.83
C SER B 187 14.88 24.57 4.22
N TRP B 188 15.97 25.33 4.06
CA TRP B 188 17.29 24.80 4.29
C TRP B 188 17.95 25.47 5.48
N TYR B 189 18.66 24.70 6.32
CA TYR B 189 19.44 25.25 7.41
C TYR B 189 20.82 24.58 7.40
N ASP B 190 21.89 25.36 7.17
CA ASP B 190 23.26 24.87 7.35
C ASP B 190 23.58 24.80 8.85
N MET B 191 24.12 23.66 9.32
CA MET B 191 24.42 23.50 10.75
C MET B 191 25.92 23.63 10.94
N ILE B 192 26.66 22.94 10.07
CA ILE B 192 28.11 22.94 10.16
C ILE B 192 28.57 23.12 8.72
N GLY B 193 29.46 24.09 8.48
CA GLY B 193 29.94 24.39 7.14
C GLY B 193 28.78 24.83 6.24
N SER B 194 28.79 24.36 5.00
CA SER B 194 27.91 24.90 3.97
C SER B 194 27.41 23.79 3.07
N ARG B 195 26.14 23.92 2.63
CA ARG B 195 25.59 22.96 1.68
C ARG B 195 26.02 23.30 0.23
N SER B 196 26.54 24.51 -0.04
CA SER B 196 27.01 24.98 -1.34
C SER B 196 27.95 24.01 -2.07
N SER B 197 27.67 23.75 -3.36
CA SER B 197 28.52 23.01 -4.30
C SER B 197 29.87 23.68 -4.62
N SER B 198 29.97 24.99 -4.40
CA SER B 198 31.18 25.75 -4.58
C SER B 198 31.72 26.18 -3.19
N ALA B 199 31.32 25.49 -2.11
CA ALA B 199 31.76 25.86 -0.77
C ALA B 199 33.27 25.62 -0.60
N SER B 200 33.89 26.40 0.28
CA SER B 200 35.29 26.17 0.56
C SER B 200 35.37 25.07 1.63
N ASP B 201 36.57 24.58 1.95
CA ASP B 201 36.76 23.42 2.82
C ASP B 201 36.40 23.87 4.24
N PRO B 202 35.41 23.25 4.93
CA PRO B 202 34.92 23.80 6.20
C PRO B 202 35.89 23.59 7.35
N SER B 203 36.39 24.68 7.98
CA SER B 203 37.38 24.50 9.04
C SER B 203 36.80 23.78 10.27
N ASP B 204 35.52 23.99 10.60
CA ASP B 204 34.93 23.23 11.71
C ASP B 204 34.11 22.03 11.20
N GLY B 205 34.32 21.60 9.94
CA GLY B 205 33.58 20.48 9.35
C GLY B 205 33.89 19.15 10.05
N ILE B 206 33.34 18.05 9.46
CA ILE B 206 33.39 16.68 9.94
C ILE B 206 34.16 15.79 8.95
N ALA B 207 35.31 15.25 9.41
CA ALA B 207 36.16 14.41 8.55
C ALA B 207 35.43 13.09 8.23
N LEU B 208 35.82 12.44 7.11
CA LEU B 208 35.43 11.04 6.95
C LEU B 208 36.03 10.22 8.11
N ASP B 209 35.28 9.22 8.63
CA ASP B 209 35.71 8.39 9.75
C ASP B 209 35.58 9.11 11.09
N GLU B 210 35.28 10.40 11.14
CA GLU B 210 35.15 11.12 12.41
C GLU B 210 33.80 10.76 13.00
N VAL B 211 33.79 10.32 14.27
CA VAL B 211 32.62 9.88 14.98
C VAL B 211 31.86 11.09 15.55
N TRP B 212 30.55 11.16 15.24
CA TRP B 212 29.69 12.24 15.67
C TRP B 212 28.30 11.67 15.95
N SER B 213 27.42 12.49 16.53
CA SER B 213 26.13 11.95 16.90
C SER B 213 25.08 12.97 16.52
N TYR B 214 23.86 12.50 16.22
CA TYR B 214 22.77 13.45 15.97
C TYR B 214 21.57 13.12 16.86
N GLU B 215 20.76 14.15 17.12
CA GLU B 215 19.39 13.90 17.63
C GLU B 215 18.39 14.69 16.81
N VAL B 216 17.31 14.04 16.42
CA VAL B 216 16.16 14.58 15.69
C VAL B 216 14.92 14.44 16.55
N LYS B 217 14.34 15.56 17.01
CA LYS B 217 13.37 15.57 18.07
C LYS B 217 12.19 16.40 17.59
N VAL B 218 10.98 15.81 17.71
CA VAL B 218 9.77 16.60 17.54
C VAL B 218 9.01 16.66 18.86
N VAL B 219 8.62 17.89 19.28
CA VAL B 219 7.68 18.04 20.41
C VAL B 219 6.57 19.03 19.97
N GLY B 220 5.32 18.54 19.76
CA GLY B 220 4.24 19.32 19.18
C GLY B 220 4.63 19.70 17.76
N ASN B 221 4.63 21.02 17.48
CA ASN B 221 5.07 21.60 16.23
C ASN B 221 6.53 22.06 16.30
N THR B 222 7.33 21.68 17.29
CA THR B 222 8.70 22.23 17.27
C THR B 222 9.73 21.16 16.89
N LEU B 223 10.52 21.41 15.83
CA LEU B 223 11.52 20.47 15.42
C LEU B 223 12.85 20.94 16.01
N THR B 224 13.66 20.03 16.59
CA THR B 224 15.00 20.37 17.09
C THR B 224 16.05 19.34 16.63
N VAL B 225 17.09 19.79 15.92
CA VAL B 225 18.10 18.87 15.45
C VAL B 225 19.43 19.27 16.12
N THR B 226 20.10 18.30 16.79
CA THR B 226 21.33 18.53 17.53
C THR B 226 22.45 17.68 16.92
N ILE B 227 23.58 18.32 16.62
CA ILE B 227 24.76 17.54 16.27
C ILE B 227 25.71 17.59 17.47
N PHE B 228 26.05 16.40 18.04
CA PHE B 228 27.04 16.31 19.12
C PHE B 228 28.38 15.80 18.60
N ARG B 229 29.49 16.38 19.09
CA ARG B 229 30.83 15.96 18.68
C ARG B 229 31.72 16.11 19.93
N ALA B 230 32.46 15.06 20.26
CA ALA B 230 33.26 15.01 21.48
C ALA B 230 34.25 16.17 21.49
N GLY B 231 34.42 16.82 22.65
CA GLY B 231 35.30 18.00 22.71
C GLY B 231 34.72 19.26 22.05
N LYS B 232 33.49 19.28 21.53
CA LYS B 232 33.03 20.52 20.88
C LYS B 232 31.62 20.86 21.35
N ASP B 233 31.20 22.14 21.25
CA ASP B 233 29.87 22.48 21.70
C ASP B 233 28.84 21.84 20.75
N ASP B 234 27.66 21.50 21.30
CA ASP B 234 26.52 21.02 20.57
C ASP B 234 26.12 22.06 19.53
N VAL B 235 25.67 21.62 18.33
CA VAL B 235 25.14 22.53 17.31
C VAL B 235 23.65 22.25 17.27
N VAL B 236 22.81 23.26 17.60
CA VAL B 236 21.36 23.05 17.64
C VAL B 236 20.64 23.79 16.51
N GLN B 237 19.59 23.19 15.91
CA GLN B 237 18.77 23.94 14.98
C GLN B 237 17.33 23.71 15.36
N VAL B 238 16.60 24.79 15.70
CA VAL B 238 15.21 24.68 16.06
C VAL B 238 14.42 25.15 14.87
N VAL B 239 13.35 24.42 14.52
CA VAL B 239 12.52 24.85 13.40
C VAL B 239 11.09 24.87 13.91
N ASP B 240 10.40 26.04 13.82
CA ASP B 240 9.00 26.09 14.17
C ASP B 240 8.23 25.56 12.95
N MET B 241 7.51 24.44 13.14
CA MET B 241 6.74 23.84 12.06
C MET B 241 5.25 24.13 12.24
N GLY B 242 4.91 25.15 13.06
CA GLY B 242 3.53 25.49 13.38
C GLY B 242 2.72 25.75 12.12
N ASN B 243 3.38 26.28 11.08
CA ASN B 243 2.70 26.62 9.85
C ASN B 243 2.92 25.61 8.72
N SER B 244 3.49 24.43 9.05
CA SER B 244 3.90 23.43 8.05
C SER B 244 2.77 22.49 7.65
N GLY B 245 1.63 22.52 8.37
CA GLY B 245 0.50 21.66 7.98
C GLY B 245 0.66 20.16 8.33
N TYR B 246 1.49 19.82 9.32
CA TYR B 246 1.49 18.42 9.73
C TYR B 246 0.64 18.23 11.00
N ASP B 247 -0.09 19.26 11.43
CA ASP B 247 -0.84 19.19 12.67
C ASP B 247 -2.29 18.89 12.32
N VAL B 248 -2.46 18.01 11.34
CA VAL B 248 -3.75 17.61 10.80
C VAL B 248 -3.92 16.11 11.00
N ALA B 249 -5.16 15.60 10.82
CA ALA B 249 -5.55 14.24 11.14
C ALA B 249 -5.04 13.28 10.07
N ASP B 250 -4.68 13.73 8.84
CA ASP B 250 -4.35 12.79 7.78
C ASP B 250 -2.82 12.55 7.56
N GLN B 251 -1.94 13.17 8.37
CA GLN B 251 -0.52 13.03 8.13
C GLN B 251 0.01 12.00 9.12
N TYR B 252 0.75 11.01 8.60
CA TYR B 252 1.50 10.08 9.44
C TYR B 252 3.02 10.24 9.24
N GLN B 253 3.81 9.80 10.23
CA GLN B 253 5.23 10.09 10.30
C GLN B 253 6.00 8.80 10.60
N TYR B 254 7.20 8.67 10.02
CA TYR B 254 8.09 7.57 10.35
C TYR B 254 9.52 8.06 10.18
N PHE B 255 10.38 7.69 11.12
CA PHE B 255 11.80 8.02 11.00
C PHE B 255 12.42 7.12 9.91
N LYS B 256 13.50 7.61 9.25
CA LYS B 256 14.39 6.79 8.42
C LYS B 256 15.81 7.02 8.91
N ALA B 257 16.67 6.00 8.75
CA ALA B 257 18.08 6.15 9.13
C ALA B 257 18.94 5.15 8.33
N GLY B 258 20.20 5.51 8.05
CA GLY B 258 20.97 4.75 7.10
C GLY B 258 21.68 5.67 6.11
N VAL B 259 21.68 5.27 4.82
CA VAL B 259 22.30 6.07 3.79
C VAL B 259 21.30 6.20 2.68
N TYR B 260 21.24 7.44 2.14
CA TYR B 260 20.38 7.71 0.99
C TYR B 260 21.25 8.53 0.07
N ASN B 261 21.65 7.94 -1.07
CA ASN B 261 22.74 8.41 -1.92
C ASN B 261 22.21 9.48 -2.89
N GLN B 262 22.49 10.77 -2.62
CA GLN B 262 21.90 11.89 -3.37
C GLN B 262 22.75 12.14 -4.62
N ASN B 263 23.06 11.05 -5.36
CA ASN B 263 23.88 11.17 -6.56
C ASN B 263 23.37 10.13 -7.55
N ASN B 264 22.93 10.60 -8.74
CA ASN B 264 22.56 9.66 -9.78
C ASN B 264 23.30 9.96 -11.11
N THR B 265 24.43 10.67 -11.03
CA THR B 265 25.15 11.08 -12.23
C THR B 265 26.58 10.51 -12.23
N GLY B 266 27.13 10.22 -11.05
CA GLY B 266 28.49 9.74 -11.05
C GLY B 266 28.57 8.31 -11.55
N ASN B 267 29.74 7.74 -11.29
CA ASN B 267 30.01 6.41 -11.77
C ASN B 267 29.16 5.41 -11.00
N ALA B 268 28.68 4.35 -11.68
CA ALA B 268 27.76 3.35 -11.21
C ALA B 268 28.20 2.69 -9.89
N SER B 269 29.52 2.56 -9.70
CA SER B 269 30.16 1.85 -8.58
C SER B 269 30.51 2.83 -7.43
N ASP B 270 30.59 4.13 -7.74
CA ASP B 270 30.82 5.13 -6.72
C ASP B 270 29.71 5.01 -5.66
N TYR B 271 30.05 5.29 -4.39
CA TYR B 271 29.16 4.86 -3.31
C TYR B 271 29.19 5.83 -2.12
N VAL B 272 28.22 5.66 -1.22
CA VAL B 272 28.24 6.28 0.11
C VAL B 272 28.27 5.11 1.09
N GLN B 273 29.00 5.33 2.17
CA GLN B 273 29.12 4.32 3.23
C GLN B 273 29.08 5.02 4.58
N VAL B 274 28.21 4.59 5.52
CA VAL B 274 28.20 5.21 6.84
C VAL B 274 28.11 4.10 7.89
N THR B 275 28.90 4.19 8.97
CA THR B 275 28.84 3.12 9.98
C THR B 275 28.18 3.69 11.23
N PHE B 276 27.10 3.03 11.68
CA PHE B 276 26.44 3.43 12.92
C PHE B 276 27.02 2.68 14.13
N TYR B 277 27.16 3.42 15.26
CA TYR B 277 27.60 2.92 16.57
C TYR B 277 26.48 2.92 17.61
N ALA B 278 25.42 3.73 17.39
CA ALA B 278 24.24 3.73 18.23
C ALA B 278 23.05 4.22 17.39
N LEU B 279 21.86 3.74 17.73
CA LEU B 279 20.65 4.11 17.03
C LEU B 279 19.48 3.85 17.98
N GLU B 280 18.67 4.90 18.27
CA GLU B 280 17.48 4.82 19.10
C GLU B 280 16.33 5.62 18.50
N GLN B 281 15.16 4.99 18.41
CA GLN B 281 13.94 5.66 18.04
C GLN B 281 12.99 5.51 19.24
N SER B 282 12.21 6.57 19.58
CA SER B 282 11.25 6.49 20.68
C SER B 282 10.09 7.45 20.51
N HIS B 283 8.97 7.18 21.20
CA HIS B 283 7.82 8.05 21.05
C HIS B 283 7.14 8.23 22.41
N ASP B 284 6.32 9.30 22.45
CA ASP B 284 5.62 9.91 23.59
C ASP B 284 6.56 10.71 24.51
#